data_8GH4
#
_entry.id   8GH4
#
_cell.length_a   78.578
_cell.length_b   85.690
_cell.length_c   129.934
_cell.angle_alpha   90.00
_cell.angle_beta   90.00
_cell.angle_gamma   90.00
#
_symmetry.space_group_name_H-M   'P 21 2 21'
#
loop_
_entity.id
_entity.type
_entity.pdbx_description
1 polymer 'Antibody heavy chain'
2 polymer 'Antibody light chain'
3 polymer 'Disintegrin and metalloproteinase domain-containing protein 10'
4 branched 2-acetamido-2-deoxy-beta-D-glucopyranose-(1-4)-2-acetamido-2-deoxy-beta-D-glucopyranose
#
loop_
_entity_poly.entity_id
_entity_poly.type
_entity_poly.pdbx_seq_one_letter_code
_entity_poly.pdbx_strand_id
1 'polypeptide(L)'
;QVQLVESGGGLVKPGGSLRLSCAASGFTFSDYYMSWIRQAPGKGLEWVSYISSSGSTIYYADSVKGRFTISRDNAKNSLY
LQMNSLRAEDTAVYYCARDFYDSKIFDYWGQGTLVTVSSASTKGPSVFPLAPSSKSTSGGTAALGCLVKDYFPEPVTVSW
NSGALTSGVHTFPAVLQSSGLYSLSSVVTVPSSSLGTQTYICNVNHKPSNTKVDKKVEPKSCDKT
;
H
2 'polypeptide(L)'
;DIQMTQSPSSLSASVGDRVTITCRASQSISSYLNWYQQKPGKAPKLLIYAASSLQSGVPSRFSGSGSGTDFTLTISSLQP
EDVGVYYCMEGLKTPFTFGPGTKLEIKRTVAAPSVFIFPPSDEQLKSGTASVVCLLNNFYPREAKVQWKVDNALQSGNSQ
ESVTEQDSKDSTYSLSSTLTLSKADYEKHKVYACEVTHQGLSSPVTKSFNRGEC
;
L
3 'polypeptide(L)'
;SGQPICGNGMVEQGEECDCGYSDQCKDECCYDANQPEGKKCKLKPGKQCSPSQGPCCTAHCAFKSKTEKCRDDSDCAKEG
ICNGITALCPASDPKPNFTDCNRHTQVCINGQCAGSICEKHGLEECTCASSDGKDDKELCHVCCMKKMEPSTCASTGSVQ
WNKYFLGRTITLQPGSPCNDFRGYCDVFMRCRASGS
;
E
#
# COMPACT_ATOMS: atom_id res chain seq x y z
N GLN A 1 10.10 -4.96 -23.03
CA GLN A 1 9.59 -5.17 -21.68
C GLN A 1 10.22 -4.17 -20.72
N VAL A 2 9.75 -4.19 -19.47
CA VAL A 2 10.30 -3.35 -18.41
C VAL A 2 10.70 -4.24 -17.25
N GLN A 3 11.94 -4.11 -16.80
CA GLN A 3 12.44 -4.88 -15.68
C GLN A 3 13.43 -4.04 -14.89
N LEU A 4 13.18 -3.89 -13.60
CA LEU A 4 14.04 -3.13 -12.70
C LEU A 4 14.63 -4.09 -11.67
N VAL A 5 15.95 -4.04 -11.52
CA VAL A 5 16.66 -4.90 -10.57
C VAL A 5 17.34 -4.02 -9.54
N GLU A 6 17.10 -4.32 -8.27
CA GLU A 6 17.68 -3.58 -7.16
C GLU A 6 18.71 -4.45 -6.45
N SER A 7 19.86 -3.85 -6.13
CA SER A 7 20.94 -4.54 -5.46
C SER A 7 21.37 -3.76 -4.23
N GLY A 8 22.01 -4.46 -3.30
CA GLY A 8 22.40 -3.89 -2.03
C GLY A 8 21.41 -4.24 -0.94
N GLY A 9 21.61 -3.61 0.22
CA GLY A 9 20.70 -3.82 1.32
C GLY A 9 21.05 -5.04 2.15
N GLY A 10 21.07 -4.89 3.46
CA GLY A 10 21.50 -5.98 4.31
C GLY A 10 21.45 -5.64 5.78
N LEU A 11 22.48 -6.03 6.53
CA LEU A 11 22.57 -5.76 7.96
C LEU A 11 23.50 -4.58 8.17
N VAL A 12 22.95 -3.44 8.54
CA VAL A 12 23.72 -2.23 8.84
C VAL A 12 23.52 -1.91 10.32
N LYS A 13 24.62 -1.62 11.01
CA LYS A 13 24.55 -1.25 12.41
C LYS A 13 23.84 0.09 12.56
N PRO A 14 23.28 0.38 13.74
CA PRO A 14 22.60 1.66 13.93
C PRO A 14 23.54 2.83 13.67
N GLY A 15 23.02 3.86 13.01
CA GLY A 15 23.85 4.90 12.46
C GLY A 15 24.47 4.45 11.15
N GLY A 16 25.59 5.08 10.80
CA GLY A 16 26.29 4.66 9.60
C GLY A 16 25.59 5.07 8.32
N SER A 17 25.87 4.31 7.26
CA SER A 17 25.38 4.64 5.92
C SER A 17 25.38 3.39 5.06
N LEU A 18 24.67 3.46 3.93
CA LEU A 18 24.57 2.34 3.01
C LEU A 18 24.22 2.85 1.62
N ARG A 19 24.58 2.05 0.61
CA ARG A 19 24.42 2.39 -0.80
C ARG A 19 23.40 1.45 -1.43
N LEU A 20 22.58 2.01 -2.32
CA LEU A 20 21.52 1.26 -3.00
C LEU A 20 21.49 1.65 -4.46
N SER A 21 21.39 0.68 -5.36
CA SER A 21 21.42 0.91 -6.79
C SER A 21 20.23 0.24 -7.47
N CYS A 22 19.66 0.91 -8.46
CA CYS A 22 18.58 0.37 -9.28
C CYS A 22 19.03 0.32 -10.74
N ALA A 23 18.91 -0.84 -11.35
CA ALA A 23 19.27 -1.04 -12.75
C ALA A 23 17.99 -1.18 -13.57
N ALA A 24 17.87 -0.36 -14.61
CA ALA A 24 16.69 -0.30 -15.47
C ALA A 24 17.05 -0.86 -16.83
N SER A 25 16.71 -2.13 -17.07
CA SER A 25 17.14 -2.83 -18.26
C SER A 25 16.56 -2.23 -19.54
N GLY A 26 15.23 -2.32 -19.71
CA GLY A 26 14.69 -1.76 -20.93
C GLY A 26 13.61 -0.69 -20.78
N PHE A 27 14.00 0.56 -20.99
CA PHE A 27 13.15 1.68 -21.40
C PHE A 27 14.03 2.91 -21.59
N THR A 28 13.50 3.98 -22.19
CA THR A 28 14.29 5.18 -22.46
C THR A 28 14.58 5.90 -21.14
N PHE A 29 15.50 5.32 -20.36
CA PHE A 29 15.81 5.76 -18.99
C PHE A 29 16.04 7.26 -18.86
N SER A 30 16.41 7.94 -19.95
CA SER A 30 16.61 9.38 -19.93
C SER A 30 15.33 10.16 -20.26
N ASP A 31 14.21 9.48 -20.46
CA ASP A 31 12.95 10.14 -20.75
C ASP A 31 11.91 9.96 -19.66
N TYR A 32 12.30 9.48 -18.48
CA TYR A 32 11.34 9.20 -17.42
C TYR A 32 11.90 9.61 -16.08
N TYR A 33 11.05 10.20 -15.24
CA TYR A 33 11.41 10.50 -13.86
C TYR A 33 11.53 9.21 -13.06
N MET A 34 12.37 9.23 -12.04
CA MET A 34 12.60 8.08 -11.17
C MET A 34 12.19 8.42 -9.75
N SER A 35 11.98 7.38 -8.94
CA SER A 35 11.50 7.56 -7.58
C SER A 35 11.83 6.33 -6.74
N TRP A 36 11.73 6.52 -5.41
CA TRP A 36 11.92 5.46 -4.44
C TRP A 36 10.77 5.45 -3.45
N ILE A 37 10.21 4.27 -3.19
CA ILE A 37 9.13 4.10 -2.22
C ILE A 37 9.46 2.89 -1.36
N ARG A 38 9.24 3.00 -0.05
CA ARG A 38 9.64 1.97 0.88
C ARG A 38 8.46 1.54 1.74
N GLN A 39 8.56 0.32 2.29
CA GLN A 39 7.54 -0.24 3.17
C GLN A 39 8.22 -1.02 4.29
N ALA A 40 7.81 -0.75 5.52
CA ALA A 40 8.34 -1.42 6.69
C ALA A 40 7.78 -2.84 6.79
N PRO A 41 8.47 -3.73 7.54
CA PRO A 41 7.98 -5.11 7.65
C PRO A 41 6.73 -5.23 8.49
N GLY A 42 5.58 -4.86 7.92
CA GLY A 42 4.33 -4.91 8.64
C GLY A 42 3.59 -3.60 8.60
N LYS A 43 3.98 -2.71 7.69
CA LYS A 43 3.31 -1.43 7.52
C LYS A 43 2.92 -1.23 6.07
N GLY A 44 2.53 0.00 5.71
CA GLY A 44 2.16 0.33 4.35
C GLY A 44 3.30 0.97 3.57
N LEU A 45 3.03 1.23 2.31
CA LEU A 45 4.01 1.88 1.44
C LEU A 45 4.19 3.34 1.82
N GLU A 46 5.39 3.85 1.57
CA GLU A 46 5.72 5.25 1.88
C GLU A 46 6.73 5.76 0.87
N TRP A 47 6.41 6.88 0.23
CA TRP A 47 7.28 7.48 -0.77
C TRP A 47 8.52 8.07 -0.11
N VAL A 48 9.61 8.11 -0.87
CA VAL A 48 10.87 8.63 -0.35
C VAL A 48 11.39 9.78 -1.19
N SER A 49 11.70 9.52 -2.47
CA SER A 49 12.38 10.49 -3.31
C SER A 49 11.78 10.48 -4.71
N TYR A 50 11.97 11.61 -5.41
CA TYR A 50 11.49 11.79 -6.77
C TYR A 50 12.55 12.57 -7.53
N ILE A 51 13.04 11.99 -8.64
CA ILE A 51 14.22 12.49 -9.33
C ILE A 51 13.87 12.79 -10.78
N SER A 52 14.33 13.94 -11.26
CA SER A 52 14.14 14.35 -12.63
C SER A 52 15.10 13.60 -13.56
N SER A 53 14.83 13.71 -14.86
CA SER A 53 15.59 12.96 -15.85
C SER A 53 17.05 13.38 -15.88
N SER A 54 17.33 14.68 -15.85
CA SER A 54 18.72 15.15 -15.89
C SER A 54 19.04 16.00 -14.68
N GLY A 55 18.68 15.55 -13.49
CA GLY A 55 18.90 16.34 -12.31
C GLY A 55 18.00 17.57 -12.28
N SER A 56 18.49 18.61 -11.59
CA SER A 56 17.85 19.92 -11.52
C SER A 56 16.56 19.89 -10.71
N THR A 57 16.19 18.71 -10.23
CA THR A 57 14.99 18.55 -9.40
C THR A 57 15.15 17.27 -8.59
N ILE A 58 15.42 17.43 -7.30
CA ILE A 58 15.63 16.31 -6.41
C ILE A 58 14.87 16.57 -5.13
N TYR A 59 13.73 15.92 -4.96
CA TYR A 59 12.91 16.04 -3.77
C TYR A 59 13.11 14.83 -2.86
N TYR A 60 12.85 15.05 -1.57
CA TYR A 60 12.85 13.97 -0.58
C TYR A 60 11.59 14.05 0.28
N ALA A 61 11.55 13.25 1.35
CA ALA A 61 10.46 13.30 2.32
C ALA A 61 10.95 13.97 3.59
N ASP A 62 10.01 14.60 4.31
CA ASP A 62 10.37 15.32 5.53
C ASP A 62 10.91 14.40 6.62
N SER A 63 10.71 13.09 6.49
CA SER A 63 11.24 12.14 7.45
C SER A 63 12.64 11.64 7.10
N VAL A 64 13.19 12.03 5.94
CA VAL A 64 14.47 11.50 5.49
C VAL A 64 15.42 12.62 5.09
N LYS A 65 14.91 13.84 4.97
CA LYS A 65 15.76 14.95 4.57
C LYS A 65 16.89 15.14 5.57
N GLY A 66 18.09 15.33 5.07
CA GLY A 66 19.29 15.34 5.89
C GLY A 66 19.88 13.98 6.14
N ARG A 67 19.28 12.91 5.62
CA ARG A 67 19.79 11.56 5.83
C ARG A 67 20.01 10.83 4.51
N PHE A 68 19.21 11.16 3.50
CA PHE A 68 19.26 10.48 2.21
C PHE A 68 19.89 11.39 1.17
N THR A 69 20.90 10.88 0.49
CA THR A 69 21.53 11.56 -0.65
C THR A 69 21.36 10.67 -1.86
N ILE A 70 20.58 11.12 -2.83
CA ILE A 70 20.24 10.34 -4.01
C ILE A 70 21.00 10.88 -5.22
N SER A 71 21.24 10.01 -6.19
CA SER A 71 21.96 10.39 -7.39
C SER A 71 21.55 9.45 -8.52
N ARG A 72 21.99 9.78 -9.72
CA ARG A 72 21.69 8.96 -10.90
C ARG A 72 22.77 9.16 -11.95
N ASP A 73 22.85 8.20 -12.86
CA ASP A 73 23.78 8.26 -13.99
C ASP A 73 23.03 7.72 -15.20
N ASN A 74 22.45 8.62 -16.00
CA ASN A 74 21.69 8.21 -17.17
C ASN A 74 22.55 7.44 -18.17
N ALA A 75 23.84 7.77 -18.27
CA ALA A 75 24.74 7.05 -19.15
C ALA A 75 24.88 5.59 -18.72
N LYS A 76 25.03 5.35 -17.42
CA LYS A 76 25.16 3.99 -16.90
C LYS A 76 23.82 3.32 -16.65
N ASN A 77 22.70 4.05 -16.80
CA ASN A 77 21.36 3.53 -16.56
C ASN A 77 21.23 2.96 -15.14
N SER A 78 21.64 3.76 -14.16
CA SER A 78 21.61 3.36 -12.76
C SER A 78 20.99 4.48 -11.94
N LEU A 79 20.46 4.10 -10.78
CA LEU A 79 19.81 5.04 -9.86
C LEU A 79 20.32 4.73 -8.45
N TYR A 80 21.23 5.58 -7.95
CA TYR A 80 21.81 5.39 -6.63
C TYR A 80 20.98 6.13 -5.58
N LEU A 81 20.87 5.53 -4.38
CA LEU A 81 20.19 6.17 -3.25
C LEU A 81 21.05 5.96 -2.01
N GLN A 82 21.98 6.88 -1.77
CA GLN A 82 22.82 6.81 -0.58
C GLN A 82 22.07 7.34 0.62
N MET A 83 22.14 6.61 1.73
CA MET A 83 21.44 7.00 2.96
C MET A 83 22.43 7.07 4.11
N ASN A 84 22.30 8.12 4.92
CA ASN A 84 23.21 8.42 6.01
C ASN A 84 22.46 8.46 7.34
N SER A 85 23.19 8.16 8.42
CA SER A 85 22.67 8.26 9.79
C SER A 85 21.36 7.48 9.94
N LEU A 86 21.46 6.18 9.73
CA LEU A 86 20.29 5.31 9.75
C LEU A 86 19.83 5.07 11.19
N ARG A 87 18.53 5.21 11.42
CA ARG A 87 17.91 4.91 12.69
C ARG A 87 17.21 3.56 12.65
N ALA A 88 16.75 3.11 13.82
CA ALA A 88 16.09 1.82 13.92
C ALA A 88 14.78 1.76 13.13
N GLU A 89 14.16 2.91 12.86
CA GLU A 89 12.92 2.95 12.11
C GLU A 89 13.14 2.94 10.60
N ASP A 90 14.38 2.74 10.14
CA ASP A 90 14.67 2.63 8.72
C ASP A 90 14.70 1.18 8.24
N THR A 91 14.41 0.22 9.11
CA THR A 91 14.34 -1.18 8.70
C THR A 91 13.12 -1.38 7.82
N ALA A 92 13.35 -1.52 6.51
CA ALA A 92 12.24 -1.64 5.57
C ALA A 92 12.77 -2.18 4.24
N VAL A 93 11.83 -2.53 3.36
CA VAL A 93 12.13 -2.93 1.99
C VAL A 93 11.91 -1.73 1.08
N TYR A 94 12.94 -1.38 0.31
CA TYR A 94 12.95 -0.18 -0.52
C TYR A 94 12.70 -0.57 -1.97
N TYR A 95 11.75 0.10 -2.61
CA TYR A 95 11.32 -0.26 -3.96
C TYR A 95 11.71 0.83 -4.96
N CYS A 96 12.31 0.42 -6.07
CA CYS A 96 12.62 1.33 -7.16
C CYS A 96 11.41 1.44 -8.09
N ALA A 97 11.17 2.65 -8.61
CA ALA A 97 9.99 2.89 -9.42
C ALA A 97 10.31 3.92 -10.50
N ARG A 98 9.36 4.09 -11.42
CA ARG A 98 9.49 5.02 -12.53
C ARG A 98 8.24 5.88 -12.56
N ASP A 99 8.39 7.14 -12.19
CA ASP A 99 7.33 8.14 -12.12
C ASP A 99 7.23 8.90 -13.44
N PHE A 100 6.43 8.29 -14.34
CA PHE A 100 6.37 8.36 -15.81
C PHE A 100 6.31 9.81 -16.25
N TYR A 101 6.03 10.12 -17.51
CA TYR A 101 6.02 11.55 -17.75
C TYR A 101 4.90 12.19 -16.94
N ASP A 102 5.00 12.09 -15.59
CA ASP A 102 3.96 12.48 -14.64
C ASP A 102 2.57 12.05 -15.12
N SER A 103 2.45 10.74 -15.41
CA SER A 103 1.21 10.18 -15.90
C SER A 103 1.23 8.68 -15.63
N LYS A 104 0.09 8.12 -15.23
CA LYS A 104 0.02 6.71 -14.81
C LYS A 104 1.12 6.42 -13.79
N ILE A 105 0.94 7.02 -12.62
CA ILE A 105 2.02 7.56 -11.78
C ILE A 105 3.29 6.73 -11.81
N PHE A 106 3.21 5.46 -11.44
CA PHE A 106 4.37 4.59 -11.40
C PHE A 106 4.02 3.37 -12.25
N ASP A 107 4.28 3.47 -13.55
CA ASP A 107 3.83 2.42 -14.46
C ASP A 107 4.49 1.08 -14.15
N TYR A 108 5.68 1.10 -13.55
CA TYR A 108 6.38 -0.13 -13.23
C TYR A 108 7.13 0.02 -11.91
N TRP A 109 7.40 -1.13 -11.29
CA TRP A 109 8.08 -1.19 -10.01
C TRP A 109 9.09 -2.33 -10.03
N GLY A 110 10.03 -2.28 -9.08
CA GLY A 110 10.97 -3.36 -8.87
C GLY A 110 10.59 -4.19 -7.65
N GLN A 111 11.31 -5.30 -7.48
CA GLN A 111 11.02 -6.21 -6.37
C GLN A 111 11.52 -5.68 -5.04
N GLY A 112 12.47 -4.75 -5.04
CA GLY A 112 12.93 -4.15 -3.80
C GLY A 112 14.17 -4.80 -3.22
N THR A 113 14.49 -4.37 -2.00
CA THR A 113 15.62 -4.92 -1.26
C THR A 113 15.45 -4.58 0.21
N LEU A 114 15.58 -5.58 1.07
CA LEU A 114 15.37 -5.38 2.50
C LEU A 114 16.58 -4.70 3.13
N VAL A 115 16.30 -3.80 4.06
CA VAL A 115 17.31 -3.09 4.82
C VAL A 115 17.04 -3.36 6.30
N THR A 116 18.03 -3.93 7.00
CA THR A 116 17.92 -4.27 8.40
C THR A 116 18.89 -3.42 9.20
N VAL A 117 18.37 -2.65 10.15
CA VAL A 117 19.18 -1.75 10.97
C VAL A 117 19.53 -2.39 12.32
N SER A 118 19.39 -3.71 12.44
CA SER A 118 19.68 -4.38 13.70
C SER A 118 21.18 -4.29 14.02
N SER A 119 21.48 -4.32 15.32
CA SER A 119 22.86 -4.27 15.81
C SER A 119 23.48 -5.66 15.95
N ALA A 120 22.80 -6.70 15.45
CA ALA A 120 23.31 -8.06 15.57
C ALA A 120 24.38 -8.30 14.51
N SER A 121 24.75 -9.57 14.32
CA SER A 121 25.77 -9.95 13.35
C SER A 121 25.21 -11.05 12.44
N THR A 122 25.62 -11.01 11.18
CA THR A 122 25.14 -11.99 10.21
C THR A 122 25.67 -13.38 10.54
N LYS A 123 24.80 -14.38 10.43
CA LYS A 123 25.13 -15.75 10.78
C LYS A 123 24.84 -16.68 9.61
N GLY A 124 25.75 -17.63 9.38
CA GLY A 124 25.64 -18.55 8.27
C GLY A 124 24.53 -19.57 8.45
N PRO A 125 23.75 -19.79 7.39
CA PRO A 125 22.60 -20.71 7.48
C PRO A 125 23.06 -22.16 7.37
N SER A 126 22.75 -22.94 8.39
CA SER A 126 22.85 -24.39 8.29
C SER A 126 21.64 -24.94 7.55
N VAL A 127 21.87 -25.94 6.71
CA VAL A 127 20.84 -26.51 5.86
C VAL A 127 20.68 -27.99 6.21
N PHE A 128 19.45 -28.40 6.52
CA PHE A 128 19.14 -29.78 6.86
C PHE A 128 17.95 -30.24 6.05
N PRO A 129 18.02 -31.40 5.41
CA PRO A 129 16.90 -31.88 4.61
C PRO A 129 15.79 -32.50 5.46
N LEU A 130 14.56 -32.33 5.00
CA LEU A 130 13.39 -32.94 5.63
C LEU A 130 12.98 -34.11 4.73
N ALA A 131 13.24 -35.33 5.17
CA ALA A 131 13.18 -36.47 4.28
C ALA A 131 11.73 -36.88 4.02
N PRO A 132 11.45 -37.49 2.86
CA PRO A 132 10.12 -38.05 2.62
C PRO A 132 9.94 -39.42 3.25
N SER A 133 8.82 -40.07 2.98
CA SER A 133 8.52 -41.37 3.57
C SER A 133 9.23 -42.47 2.79
N SER A 134 10.12 -43.20 3.47
CA SER A 134 10.79 -44.32 2.85
C SER A 134 9.84 -45.49 2.60
N LYS A 135 8.74 -45.58 3.34
CA LYS A 135 7.72 -46.59 3.06
C LYS A 135 6.66 -46.01 2.12
N SER A 136 7.12 -45.67 0.92
CA SER A 136 6.31 -44.87 0.01
C SER A 136 5.09 -45.65 -0.50
N THR A 137 3.97 -44.95 -0.64
CA THR A 137 2.79 -45.48 -1.29
C THR A 137 2.85 -45.09 -2.76
N SER A 138 1.73 -45.20 -3.48
CA SER A 138 1.64 -44.69 -4.83
C SER A 138 0.39 -43.84 -4.99
N GLY A 139 0.30 -43.18 -6.13
CA GLY A 139 -0.82 -42.35 -6.48
C GLY A 139 -0.60 -40.86 -6.29
N GLY A 140 0.57 -40.44 -5.83
CA GLY A 140 0.90 -39.03 -5.69
C GLY A 140 1.03 -38.50 -4.28
N THR A 141 1.09 -39.36 -3.28
CA THR A 141 1.10 -38.94 -1.89
C THR A 141 2.53 -38.94 -1.37
N ALA A 142 3.16 -37.77 -1.37
CA ALA A 142 4.52 -37.63 -0.88
C ALA A 142 4.81 -36.15 -0.62
N ALA A 143 5.91 -35.90 0.09
CA ALA A 143 6.32 -34.54 0.40
C ALA A 143 7.77 -34.53 0.87
N LEU A 144 8.47 -33.44 0.57
CA LEU A 144 9.87 -33.25 0.91
C LEU A 144 10.11 -31.78 1.23
N GLY A 145 11.17 -31.52 1.99
CA GLY A 145 11.44 -30.15 2.40
C GLY A 145 12.88 -29.95 2.84
N CYS A 146 13.24 -28.67 2.95
CA CYS A 146 14.56 -28.22 3.39
C CYS A 146 14.39 -27.27 4.56
N LEU A 147 15.29 -27.36 5.54
CA LEU A 147 15.27 -26.51 6.71
C LEU A 147 16.50 -25.60 6.70
N VAL A 148 16.27 -24.29 6.63
CA VAL A 148 17.35 -23.30 6.72
C VAL A 148 17.39 -22.87 8.19
N LYS A 149 18.24 -23.54 8.96
CA LYS A 149 18.32 -23.31 10.40
C LYS A 149 19.41 -22.29 10.72
N ASP A 150 19.07 -21.35 11.60
CA ASP A 150 20.00 -20.32 12.09
C ASP A 150 20.58 -19.51 10.94
N TYR A 151 19.70 -18.76 10.26
CA TYR A 151 20.08 -17.87 9.18
C TYR A 151 19.70 -16.45 9.57
N PHE A 152 20.62 -15.50 9.38
CA PHE A 152 20.22 -14.14 9.72
C PHE A 152 21.04 -13.03 9.07
N PRO A 153 20.56 -12.32 8.05
CA PRO A 153 19.81 -11.11 8.37
C PRO A 153 18.33 -11.43 8.41
N GLU A 154 17.61 -11.23 7.29
CA GLU A 154 16.46 -12.00 6.84
C GLU A 154 16.63 -12.79 5.54
N PRO A 155 16.99 -12.15 4.42
CA PRO A 155 16.53 -12.63 3.11
C PRO A 155 17.22 -13.91 2.63
N VAL A 156 16.40 -14.86 2.16
CA VAL A 156 16.89 -16.13 1.64
C VAL A 156 16.04 -16.52 0.43
N THR A 157 16.67 -17.17 -0.54
CA THR A 157 16.00 -17.64 -1.74
C THR A 157 16.08 -19.15 -1.84
N VAL A 158 14.98 -19.78 -2.21
CA VAL A 158 14.90 -21.23 -2.33
C VAL A 158 14.33 -21.56 -3.71
N SER A 159 15.10 -22.31 -4.49
CA SER A 159 14.68 -22.71 -5.84
C SER A 159 14.83 -24.22 -5.93
N TRP A 160 13.70 -24.93 -5.84
CA TRP A 160 13.71 -26.37 -5.98
C TRP A 160 13.98 -26.76 -7.42
N ASN A 161 14.88 -27.74 -7.61
CA ASN A 161 15.25 -28.25 -8.94
C ASN A 161 15.79 -27.14 -9.84
N SER A 162 16.52 -26.19 -9.24
CA SER A 162 17.14 -25.09 -9.98
C SER A 162 16.12 -24.32 -10.80
N GLY A 163 14.95 -24.08 -10.21
CA GLY A 163 13.88 -23.37 -10.88
C GLY A 163 12.92 -24.25 -11.65
N ALA A 164 13.26 -25.53 -11.86
CA ALA A 164 12.33 -26.42 -12.56
C ALA A 164 11.09 -26.66 -11.71
N LEU A 165 11.28 -26.91 -10.41
CA LEU A 165 10.17 -27.24 -9.52
C LEU A 165 9.58 -25.93 -8.98
N THR A 166 8.38 -25.60 -9.43
CA THR A 166 7.66 -24.40 -9.03
C THR A 166 6.29 -24.69 -8.45
N SER A 167 5.54 -25.60 -9.04
CA SER A 167 4.22 -25.95 -8.54
C SER A 167 4.34 -26.85 -7.31
N GLY A 168 3.59 -26.52 -6.27
CA GLY A 168 3.62 -27.27 -5.03
C GLY A 168 4.70 -26.84 -4.05
N VAL A 169 5.52 -25.86 -4.41
CA VAL A 169 6.55 -25.35 -3.52
C VAL A 169 5.91 -24.36 -2.57
N HIS A 170 6.27 -24.46 -1.29
CA HIS A 170 5.75 -23.57 -0.25
C HIS A 170 6.88 -23.09 0.64
N THR A 171 6.84 -21.80 0.98
CA THR A 171 7.87 -21.15 1.78
C THR A 171 7.28 -19.91 2.42
N PHE A 172 7.58 -19.70 3.71
CA PHE A 172 7.03 -18.55 4.43
C PHE A 172 8.00 -18.07 5.49
N PRO A 173 8.17 -16.74 5.65
CA PRO A 173 9.21 -16.22 6.53
C PRO A 173 9.11 -16.79 7.93
N ALA A 174 10.27 -17.04 8.52
CA ALA A 174 10.39 -17.76 9.77
C ALA A 174 10.21 -16.82 10.96
N VAL A 175 10.42 -17.36 12.16
CA VAL A 175 10.27 -16.62 13.40
C VAL A 175 11.54 -16.83 14.23
N LEU A 176 11.84 -15.87 15.09
CA LEU A 176 13.05 -15.91 15.90
C LEU A 176 13.03 -17.12 16.83
N GLN A 177 14.08 -17.94 16.74
CA GLN A 177 14.32 -18.93 17.79
C GLN A 177 14.81 -18.22 19.04
N SER A 178 14.89 -18.96 20.14
CA SER A 178 15.16 -18.41 21.47
C SER A 178 16.25 -17.34 21.46
N SER A 179 17.43 -17.67 20.96
CA SER A 179 18.56 -16.74 20.96
C SER A 179 18.67 -15.98 19.65
N GLY A 180 17.58 -15.34 19.23
CA GLY A 180 17.56 -14.51 18.03
C GLY A 180 18.02 -15.23 16.78
N LEU A 181 17.28 -16.28 16.38
CA LEU A 181 17.69 -17.11 15.26
C LEU A 181 16.48 -17.40 14.38
N TYR A 182 16.52 -16.94 13.13
CA TYR A 182 15.50 -17.33 12.16
C TYR A 182 15.76 -18.77 11.69
N SER A 183 14.67 -19.51 11.44
CA SER A 183 14.81 -20.88 10.95
C SER A 183 13.64 -21.17 10.01
N LEU A 184 13.87 -21.03 8.71
CA LEU A 184 12.84 -21.20 7.70
C LEU A 184 12.87 -22.60 7.12
N SER A 185 11.69 -23.17 6.90
CA SER A 185 11.52 -24.49 6.29
C SER A 185 10.67 -24.35 5.04
N SER A 186 11.19 -24.82 3.91
CA SER A 186 10.46 -24.89 2.65
C SER A 186 10.02 -26.33 2.40
N VAL A 187 8.82 -26.50 1.84
CA VAL A 187 8.23 -27.82 1.65
C VAL A 187 7.55 -27.88 0.29
N VAL A 188 7.67 -29.03 -0.37
CA VAL A 188 6.99 -29.28 -1.65
C VAL A 188 6.44 -30.70 -1.62
N THR A 189 5.27 -30.89 -2.21
CA THR A 189 4.62 -32.19 -2.30
C THR A 189 4.69 -32.68 -3.75
N VAL A 190 5.19 -33.90 -3.92
CA VAL A 190 5.45 -34.45 -5.25
C VAL A 190 4.74 -35.80 -5.36
N PRO A 191 4.51 -36.28 -6.59
CA PRO A 191 3.91 -37.60 -6.76
C PRO A 191 4.78 -38.69 -6.14
N SER A 192 4.11 -39.72 -5.62
CA SER A 192 4.79 -40.85 -5.00
C SER A 192 5.69 -41.58 -5.99
N SER A 193 5.29 -41.65 -7.26
CA SER A 193 6.15 -42.27 -8.26
C SER A 193 7.39 -41.44 -8.50
N SER A 194 7.24 -40.12 -8.64
CA SER A 194 8.40 -39.25 -8.83
C SER A 194 9.33 -39.31 -7.63
N LEU A 195 8.80 -39.63 -6.45
CA LEU A 195 9.62 -39.81 -5.27
C LEU A 195 10.69 -40.89 -5.50
N GLY A 196 10.32 -41.94 -6.21
CA GLY A 196 11.24 -42.99 -6.60
C GLY A 196 11.76 -42.89 -8.02
N THR A 197 11.44 -41.82 -8.74
CA THR A 197 11.86 -41.69 -10.14
C THR A 197 12.86 -40.56 -10.35
N GLN A 198 12.49 -39.33 -10.01
CA GLN A 198 13.38 -38.22 -10.26
C GLN A 198 14.17 -37.87 -9.00
N THR A 199 15.18 -37.04 -9.17
CA THR A 199 15.99 -36.54 -8.08
C THR A 199 15.57 -35.11 -7.77
N TYR A 200 15.24 -34.85 -6.51
CA TYR A 200 14.68 -33.58 -6.07
C TYR A 200 15.65 -32.92 -5.09
N ILE A 201 16.04 -31.68 -5.38
CA ILE A 201 17.06 -30.98 -4.62
C ILE A 201 16.65 -29.52 -4.47
N CYS A 202 16.87 -28.97 -3.29
CA CYS A 202 16.59 -27.57 -3.01
C CYS A 202 17.87 -26.75 -3.15
N ASN A 203 17.79 -25.65 -3.89
CA ASN A 203 18.91 -24.74 -4.08
C ASN A 203 18.61 -23.46 -3.31
N VAL A 204 19.39 -23.22 -2.25
CA VAL A 204 19.19 -22.09 -1.34
C VAL A 204 20.38 -21.15 -1.49
N ASN A 205 20.09 -19.87 -1.73
CA ASN A 205 21.11 -18.83 -1.83
C ASN A 205 20.93 -17.85 -0.68
N HIS A 206 21.90 -17.83 0.23
CA HIS A 206 21.92 -16.85 1.31
C HIS A 206 22.83 -15.72 0.85
N LYS A 207 22.25 -14.72 0.21
CA LYS A 207 23.05 -13.61 -0.32
C LYS A 207 23.89 -12.91 0.74
N PRO A 208 23.38 -12.59 1.94
CA PRO A 208 24.20 -11.78 2.86
C PRO A 208 25.45 -12.48 3.35
N SER A 209 25.35 -13.71 3.84
CA SER A 209 26.56 -14.48 4.13
C SER A 209 27.27 -14.92 2.86
N ASN A 210 26.67 -14.68 1.69
CA ASN A 210 27.23 -15.07 0.41
C ASN A 210 27.51 -16.57 0.36
N THR A 211 26.71 -17.32 1.11
CA THR A 211 26.82 -18.76 1.18
C THR A 211 25.69 -19.38 0.37
N LYS A 212 26.06 -20.19 -0.62
CA LYS A 212 25.08 -20.87 -1.47
C LYS A 212 25.19 -22.36 -1.19
N VAL A 213 24.08 -22.97 -0.77
CA VAL A 213 24.04 -24.37 -0.38
C VAL A 213 23.04 -25.09 -1.26
N ASP A 214 23.46 -26.22 -1.84
CA ASP A 214 22.59 -27.06 -2.68
C ASP A 214 22.47 -28.42 -2.00
N LYS A 215 21.35 -28.66 -1.33
CA LYS A 215 21.12 -29.87 -0.57
C LYS A 215 19.99 -30.67 -1.22
N LYS A 216 20.28 -31.92 -1.53
CA LYS A 216 19.29 -32.84 -2.07
C LYS A 216 18.55 -33.54 -0.94
N VAL A 217 17.27 -33.81 -1.17
CA VAL A 217 16.42 -34.48 -0.20
C VAL A 217 16.15 -35.89 -0.72
N GLU A 218 16.53 -36.89 0.08
CA GLU A 218 16.33 -38.29 -0.27
C GLU A 218 15.72 -39.02 0.92
N PRO A 219 14.98 -40.11 0.68
CA PRO A 219 14.34 -40.84 1.77
C PRO A 219 15.36 -41.34 2.79
N LYS A 220 14.85 -41.80 3.94
CA LYS A 220 15.72 -42.15 5.06
C LYS A 220 16.73 -43.21 4.66
N SER A 221 16.29 -44.23 3.95
CA SER A 221 17.17 -45.26 3.40
C SER A 221 18.04 -45.89 4.49
N CYS A 222 17.39 -46.28 5.59
CA CYS A 222 18.12 -46.94 6.66
C CYS A 222 18.62 -48.31 6.19
N ASP A 223 19.53 -48.88 6.96
CA ASP A 223 20.19 -50.14 6.64
C ASP A 223 20.96 -50.02 5.32
N LYS A 224 21.91 -49.11 5.29
CA LYS A 224 22.76 -48.91 4.12
C LYS A 224 23.82 -50.00 4.05
N ASP B 1 -3.12 19.27 6.38
CA ASP B 1 -2.50 17.97 6.16
C ASP B 1 -3.51 16.96 5.63
N ILE B 2 -3.24 16.45 4.43
CA ILE B 2 -4.14 15.50 3.78
C ILE B 2 -4.10 14.18 4.53
N GLN B 3 -5.28 13.64 4.84
CA GLN B 3 -5.43 12.38 5.54
C GLN B 3 -6.08 11.37 4.61
N MET B 4 -5.48 10.18 4.50
CA MET B 4 -5.93 9.13 3.59
C MET B 4 -6.49 7.97 4.41
N THR B 5 -7.79 7.76 4.32
CA THR B 5 -8.46 6.63 4.94
C THR B 5 -8.92 5.65 3.88
N GLN B 6 -8.91 4.36 4.21
CA GLN B 6 -9.29 3.31 3.28
C GLN B 6 -10.21 2.34 4.00
N SER B 7 -11.46 2.25 3.55
CA SER B 7 -12.42 1.34 4.15
C SER B 7 -13.03 0.44 3.09
N PRO B 8 -13.18 -0.86 3.37
CA PRO B 8 -12.73 -1.50 4.60
C PRO B 8 -11.24 -1.82 4.59
N SER B 9 -10.70 -2.30 5.71
CA SER B 9 -9.32 -2.77 5.76
C SER B 9 -9.24 -4.27 5.49
N SER B 10 -9.93 -5.07 6.31
CA SER B 10 -10.02 -6.50 6.11
C SER B 10 -11.32 -6.83 5.40
N LEU B 11 -11.29 -7.83 4.52
CA LEU B 11 -12.44 -8.15 3.68
C LEU B 11 -12.31 -9.57 3.18
N SER B 12 -13.28 -10.42 3.52
CA SER B 12 -13.36 -11.79 3.03
C SER B 12 -14.66 -11.98 2.28
N ALA B 13 -14.56 -12.48 1.04
CA ALA B 13 -15.73 -12.72 0.22
C ALA B 13 -15.46 -13.88 -0.72
N SER B 14 -16.54 -14.48 -1.22
CA SER B 14 -16.44 -15.65 -2.08
C SER B 14 -16.24 -15.23 -3.54
N VAL B 15 -16.02 -16.24 -4.39
CA VAL B 15 -15.83 -15.98 -5.81
C VAL B 15 -17.09 -15.38 -6.40
N GLY B 16 -16.92 -14.35 -7.23
CA GLY B 16 -18.04 -13.74 -7.92
C GLY B 16 -18.79 -12.70 -7.12
N ASP B 17 -18.43 -12.48 -5.87
CA ASP B 17 -19.07 -11.44 -5.08
C ASP B 17 -18.59 -10.06 -5.54
N ARG B 18 -19.53 -9.13 -5.67
CA ARG B 18 -19.16 -7.77 -6.04
C ARG B 18 -18.47 -7.09 -4.86
N VAL B 19 -17.34 -6.44 -5.14
CA VAL B 19 -16.48 -5.87 -4.12
C VAL B 19 -16.32 -4.38 -4.38
N THR B 20 -16.47 -3.58 -3.32
CA THR B 20 -16.30 -2.13 -3.39
C THR B 20 -15.35 -1.69 -2.29
N ILE B 21 -14.35 -0.88 -2.67
CA ILE B 21 -13.39 -0.31 -1.73
C ILE B 21 -13.42 1.20 -1.89
N THR B 22 -13.49 1.91 -0.78
CA THR B 22 -13.59 3.36 -0.76
C THR B 22 -12.33 3.97 -0.16
N CYS B 23 -11.78 4.96 -0.84
CA CYS B 23 -10.62 5.71 -0.37
C CYS B 23 -11.11 7.09 0.05
N ARG B 24 -11.11 7.36 1.34
CA ARG B 24 -11.63 8.61 1.89
C ARG B 24 -10.50 9.62 2.01
N ALA B 25 -10.75 10.85 1.53
CA ALA B 25 -9.75 11.91 1.54
C ALA B 25 -10.18 13.03 2.49
N SER B 26 -9.21 13.60 3.20
CA SER B 26 -9.51 14.69 4.13
C SER B 26 -9.99 15.93 3.40
N GLN B 27 -9.39 16.23 2.25
CA GLN B 27 -9.79 17.39 1.46
C GLN B 27 -9.99 16.99 0.00
N SER B 28 -10.17 17.96 -0.88
CA SER B 28 -10.51 17.70 -2.28
C SER B 28 -9.22 17.40 -3.04
N ILE B 29 -8.77 16.15 -2.90
CA ILE B 29 -7.61 15.68 -3.66
C ILE B 29 -7.98 15.56 -5.12
N SER B 30 -6.98 15.69 -5.98
CA SER B 30 -7.23 15.71 -7.41
C SER B 30 -7.54 14.31 -7.92
N SER B 31 -7.99 14.23 -9.17
CA SER B 31 -8.33 12.97 -9.80
C SER B 31 -7.13 12.16 -10.25
N TYR B 32 -5.92 12.65 -10.04
CA TYR B 32 -4.73 11.89 -10.41
C TYR B 32 -4.46 10.82 -9.36
N LEU B 33 -5.43 9.95 -9.10
CA LEU B 33 -5.27 8.89 -8.11
C LEU B 33 -5.23 7.54 -8.80
N ASN B 34 -4.31 6.69 -8.38
CA ASN B 34 -4.12 5.37 -8.95
C ASN B 34 -4.25 4.31 -7.88
N TRP B 35 -4.89 3.20 -8.22
CA TRP B 35 -5.01 2.05 -7.32
C TRP B 35 -3.98 1.00 -7.70
N TYR B 36 -3.40 0.37 -6.68
CA TYR B 36 -2.35 -0.63 -6.87
C TYR B 36 -2.66 -1.89 -6.07
N GLN B 37 -2.20 -3.02 -6.57
CA GLN B 37 -2.37 -4.32 -5.93
C GLN B 37 -1.01 -4.91 -5.57
N GLN B 38 -0.90 -5.41 -4.34
CA GLN B 38 0.34 -6.03 -3.87
C GLN B 38 0.05 -7.42 -3.34
N LYS B 39 0.91 -8.37 -3.70
CA LYS B 39 0.88 -9.70 -3.11
C LYS B 39 2.14 -9.91 -2.26
N PRO B 40 2.03 -10.65 -1.15
CA PRO B 40 3.18 -10.78 -0.25
C PRO B 40 4.37 -11.42 -0.94
N GLY B 41 5.56 -10.97 -0.56
CA GLY B 41 6.82 -11.35 -1.19
C GLY B 41 7.14 -10.62 -2.49
N LYS B 42 6.12 -10.37 -3.30
CA LYS B 42 6.29 -9.68 -4.57
C LYS B 42 6.14 -8.17 -4.36
N ALA B 43 6.01 -7.44 -5.45
CA ALA B 43 5.93 -5.99 -5.46
C ALA B 43 4.56 -5.53 -5.94
N PRO B 44 4.15 -4.31 -5.56
CA PRO B 44 2.86 -3.80 -6.03
C PRO B 44 2.81 -3.64 -7.54
N LYS B 45 1.59 -3.59 -8.06
CA LYS B 45 1.32 -3.50 -9.49
C LYS B 45 0.18 -2.52 -9.71
N LEU B 46 0.28 -1.74 -10.79
CA LEU B 46 -0.76 -0.78 -11.11
C LEU B 46 -2.04 -1.48 -11.51
N LEU B 47 -3.17 -1.03 -10.94
CA LEU B 47 -4.49 -1.55 -11.24
C LEU B 47 -5.32 -0.55 -12.06
N ILE B 48 -5.56 0.63 -11.49
CA ILE B 48 -6.38 1.65 -12.13
C ILE B 48 -5.65 2.98 -11.99
N TYR B 49 -4.98 3.41 -13.06
CA TYR B 49 -4.51 4.81 -13.13
C TYR B 49 -5.77 5.64 -13.25
N ALA B 50 -5.67 6.99 -13.40
CA ALA B 50 -6.56 8.01 -12.82
C ALA B 50 -8.02 7.63 -12.74
N ALA B 51 -8.83 8.50 -12.16
CA ALA B 51 -10.24 8.19 -11.88
C ALA B 51 -10.88 7.49 -13.08
N SER B 52 -11.25 6.22 -12.87
CA SER B 52 -11.92 5.36 -13.86
C SER B 52 -11.11 5.18 -15.14
N SER B 53 -9.88 4.68 -15.02
CA SER B 53 -9.04 4.39 -16.19
C SER B 53 -8.32 3.06 -15.99
N LEU B 54 -8.54 2.12 -16.90
CA LEU B 54 -7.97 0.78 -16.79
C LEU B 54 -6.63 0.71 -17.50
N GLN B 55 -5.61 0.20 -16.79
CA GLN B 55 -4.29 0.03 -17.36
C GLN B 55 -4.25 -1.21 -18.25
N SER B 56 -3.53 -1.11 -19.36
CA SER B 56 -3.45 -2.22 -20.31
C SER B 56 -2.80 -3.43 -19.65
N GLY B 57 -3.40 -4.60 -19.88
CA GLY B 57 -2.95 -5.83 -19.28
C GLY B 57 -3.62 -6.19 -17.97
N VAL B 58 -4.23 -5.22 -17.30
CA VAL B 58 -4.96 -5.46 -16.06
C VAL B 58 -6.29 -6.13 -16.41
N PRO B 59 -6.76 -7.08 -15.60
CA PRO B 59 -8.07 -7.69 -15.89
C PRO B 59 -9.17 -6.64 -15.96
N SER B 60 -10.11 -6.85 -16.88
CA SER B 60 -11.08 -5.83 -17.25
C SER B 60 -12.30 -5.82 -16.34
N ARG B 61 -12.29 -6.59 -15.26
CA ARG B 61 -13.39 -6.54 -14.30
C ARG B 61 -13.32 -5.31 -13.40
N PHE B 62 -12.13 -4.73 -13.21
CA PHE B 62 -11.99 -3.57 -12.34
C PHE B 62 -12.59 -2.33 -12.97
N SER B 63 -13.13 -1.45 -12.12
CA SER B 63 -13.75 -0.22 -12.58
C SER B 63 -13.65 0.81 -11.47
N GLY B 64 -12.92 1.89 -11.72
CA GLY B 64 -12.80 2.95 -10.75
C GLY B 64 -13.91 3.97 -10.83
N SER B 65 -14.00 4.80 -9.79
CA SER B 65 -14.99 5.87 -9.72
C SER B 65 -14.64 6.77 -8.55
N GLY B 66 -15.24 7.96 -8.54
CA GLY B 66 -15.11 8.87 -7.42
C GLY B 66 -14.68 10.28 -7.79
N SER B 67 -15.02 11.22 -6.92
CA SER B 67 -14.65 12.63 -7.09
C SER B 67 -14.53 13.25 -5.72
N GLY B 68 -13.94 14.46 -5.68
CA GLY B 68 -13.83 15.20 -4.46
C GLY B 68 -13.03 14.50 -3.38
N THR B 69 -13.68 14.16 -2.27
CA THR B 69 -13.02 13.52 -1.14
C THR B 69 -13.22 12.02 -1.09
N ASP B 70 -14.02 11.44 -1.99
CA ASP B 70 -14.34 10.02 -1.97
C ASP B 70 -14.02 9.40 -3.32
N PHE B 71 -13.17 8.38 -3.32
CA PHE B 71 -12.86 7.60 -4.52
C PHE B 71 -13.22 6.14 -4.26
N THR B 72 -13.51 5.42 -5.34
CA THR B 72 -14.07 4.07 -5.23
C THR B 72 -13.46 3.15 -6.27
N LEU B 73 -13.04 1.97 -5.85
CA LEU B 73 -12.63 0.89 -6.73
C LEU B 73 -13.68 -0.21 -6.67
N THR B 74 -14.10 -0.71 -7.83
CA THR B 74 -15.17 -1.68 -7.93
C THR B 74 -14.67 -2.92 -8.67
N ILE B 75 -14.61 -4.04 -7.96
CA ILE B 75 -14.36 -5.34 -8.58
C ILE B 75 -15.72 -5.95 -8.91
N SER B 76 -16.02 -6.06 -10.20
CA SER B 76 -17.34 -6.53 -10.62
C SER B 76 -17.58 -7.97 -10.18
N SER B 77 -16.57 -8.84 -10.34
CA SER B 77 -16.70 -10.25 -10.00
C SER B 77 -15.41 -10.72 -9.35
N LEU B 78 -15.46 -10.97 -8.04
CA LEU B 78 -14.28 -11.41 -7.32
C LEU B 78 -13.85 -12.80 -7.77
N GLN B 79 -12.55 -13.01 -7.86
CA GLN B 79 -11.94 -14.22 -8.40
C GLN B 79 -10.83 -14.69 -7.48
N PRO B 80 -10.43 -15.97 -7.60
CA PRO B 80 -9.38 -16.49 -6.70
C PRO B 80 -8.07 -15.74 -6.76
N GLU B 81 -7.69 -15.21 -7.92
CA GLU B 81 -6.43 -14.51 -8.05
C GLU B 81 -6.49 -13.06 -7.60
N ASP B 82 -7.64 -12.59 -7.14
CA ASP B 82 -7.80 -11.23 -6.67
C ASP B 82 -7.46 -11.06 -5.19
N VAL B 83 -6.97 -12.11 -4.53
CA VAL B 83 -6.56 -12.00 -3.14
C VAL B 83 -5.29 -11.16 -3.06
N GLY B 84 -5.28 -10.20 -2.15
CA GLY B 84 -4.13 -9.34 -1.98
C GLY B 84 -4.48 -8.09 -1.18
N VAL B 85 -3.50 -7.21 -1.10
CA VAL B 85 -3.61 -5.95 -0.37
C VAL B 85 -3.65 -4.81 -1.39
N TYR B 86 -4.69 -3.97 -1.31
CA TYR B 86 -4.93 -2.92 -2.28
C TYR B 86 -4.69 -1.55 -1.65
N TYR B 87 -4.05 -0.65 -2.40
CA TYR B 87 -3.73 0.68 -1.92
C TYR B 87 -4.24 1.73 -2.90
N CYS B 88 -4.56 2.90 -2.37
CA CYS B 88 -4.95 4.06 -3.16
C CYS B 88 -3.94 5.18 -2.95
N MET B 89 -3.41 5.71 -4.03
CA MET B 89 -2.44 6.81 -4.00
C MET B 89 -2.90 7.92 -4.92
N GLU B 90 -3.00 9.14 -4.39
CA GLU B 90 -3.51 10.29 -5.12
C GLU B 90 -2.35 11.03 -5.77
N GLY B 91 -2.69 12.17 -6.39
CA GLY B 91 -1.71 12.97 -7.07
C GLY B 91 -2.06 14.44 -7.09
N LEU B 92 -1.04 15.24 -7.44
CA LEU B 92 -1.14 16.65 -7.76
C LEU B 92 -1.44 17.52 -6.55
N LYS B 93 -1.87 16.87 -5.47
CA LYS B 93 -2.04 17.46 -4.15
C LYS B 93 -1.54 16.47 -3.11
N THR B 94 -0.45 15.80 -3.44
CA THR B 94 -0.11 14.53 -2.84
C THR B 94 1.39 14.40 -2.78
N PRO B 95 1.98 14.35 -1.60
CA PRO B 95 3.39 13.96 -1.53
C PRO B 95 3.52 12.45 -1.68
N PHE B 96 2.83 11.88 -2.66
CA PHE B 96 2.76 10.44 -2.88
C PHE B 96 2.32 9.71 -1.60
N THR B 97 1.10 10.04 -1.19
CA THR B 97 0.48 9.42 -0.03
C THR B 97 -0.16 8.11 -0.44
N PHE B 98 -0.04 7.10 0.42
CA PHE B 98 -0.61 5.78 0.20
C PHE B 98 -1.66 5.51 1.27
N GLY B 99 -2.81 4.99 0.86
CA GLY B 99 -3.87 4.65 1.77
C GLY B 99 -3.44 3.57 2.75
N PRO B 100 -4.20 3.41 3.84
CA PRO B 100 -3.81 2.43 4.87
C PRO B 100 -3.68 1.01 4.34
N GLY B 101 -4.50 0.62 3.36
CA GLY B 101 -4.37 -0.70 2.78
C GLY B 101 -5.55 -1.60 3.06
N THR B 102 -6.29 -1.97 2.01
CA THR B 102 -7.41 -2.88 2.14
C THR B 102 -6.92 -4.30 1.87
N LYS B 103 -6.87 -5.12 2.91
CA LYS B 103 -6.58 -6.53 2.74
C LYS B 103 -7.82 -7.25 2.23
N LEU B 104 -7.61 -8.22 1.35
CA LEU B 104 -8.72 -8.94 0.72
C LEU B 104 -8.36 -10.42 0.61
N GLU B 105 -9.06 -11.27 1.35
CA GLU B 105 -8.96 -12.71 1.20
C GLU B 105 -10.11 -13.22 0.34
N ILE B 106 -10.15 -14.53 0.14
CA ILE B 106 -11.18 -15.17 -0.65
C ILE B 106 -11.83 -16.26 0.20
N LYS B 107 -13.09 -16.54 -0.09
CA LYS B 107 -13.85 -17.58 0.59
C LYS B 107 -14.09 -18.75 -0.37
N ARG B 108 -13.83 -19.96 0.12
CA ARG B 108 -14.00 -21.16 -0.69
C ARG B 108 -14.58 -22.26 0.20
N THR B 109 -15.07 -23.32 -0.43
CA THR B 109 -15.51 -24.48 0.31
C THR B 109 -14.33 -25.10 1.05
N VAL B 110 -14.62 -25.72 2.20
CA VAL B 110 -13.59 -26.30 3.03
C VAL B 110 -12.95 -27.49 2.33
N ALA B 111 -11.63 -27.55 2.33
CA ALA B 111 -10.89 -28.64 1.71
C ALA B 111 -10.13 -29.42 2.77
N ALA B 112 -9.85 -30.68 2.46
CA ALA B 112 -9.16 -31.56 3.38
C ALA B 112 -7.68 -31.20 3.46
N PRO B 113 -7.13 -30.89 4.63
CA PRO B 113 -5.69 -30.61 4.72
C PRO B 113 -4.86 -31.88 4.54
N SER B 114 -3.87 -31.79 3.65
CA SER B 114 -2.91 -32.87 3.49
C SER B 114 -1.85 -32.76 4.58
N VAL B 115 -1.77 -33.77 5.44
CA VAL B 115 -0.91 -33.75 6.61
C VAL B 115 0.27 -34.69 6.38
N PHE B 116 1.47 -34.17 6.53
CA PHE B 116 2.70 -34.95 6.40
C PHE B 116 3.61 -34.62 7.58
N ILE B 117 4.27 -35.65 8.10
CA ILE B 117 5.16 -35.51 9.25
C ILE B 117 6.60 -35.75 8.77
N PHE B 118 7.51 -34.90 9.23
CA PHE B 118 8.91 -34.96 8.80
C PHE B 118 9.82 -35.17 9.99
N PRO B 119 10.50 -36.33 10.08
CA PRO B 119 11.50 -36.52 11.14
C PRO B 119 12.73 -35.67 10.89
N PRO B 120 13.51 -35.37 11.92
CA PRO B 120 14.70 -34.54 11.74
C PRO B 120 15.79 -35.27 10.96
N SER B 121 16.78 -34.50 10.54
CA SER B 121 17.94 -35.03 9.83
C SER B 121 19.00 -35.52 10.83
N ASP B 122 19.84 -36.43 10.36
CA ASP B 122 20.89 -36.97 11.21
C ASP B 122 21.99 -35.95 11.49
N GLU B 123 22.29 -35.09 10.52
CA GLU B 123 23.36 -34.12 10.71
C GLU B 123 23.05 -33.16 11.85
N GLN B 124 21.78 -32.75 11.98
CA GLN B 124 21.39 -31.88 13.08
C GLN B 124 21.55 -32.58 14.43
N LEU B 125 21.38 -33.89 14.47
CA LEU B 125 21.49 -34.62 15.72
C LEU B 125 22.91 -34.54 16.28
N LYS B 126 23.91 -34.62 15.42
CA LYS B 126 25.29 -34.48 15.88
C LYS B 126 25.59 -33.06 16.33
N SER B 127 24.89 -32.07 15.79
CA SER B 127 25.11 -30.68 16.20
C SER B 127 24.74 -30.48 17.66
N GLY B 128 23.61 -31.04 18.10
CA GLY B 128 23.20 -30.94 19.48
C GLY B 128 21.72 -30.73 19.68
N THR B 129 20.99 -30.43 18.60
CA THR B 129 19.56 -30.18 18.66
C THR B 129 18.85 -31.09 17.66
N ALA B 130 17.53 -30.97 17.60
CA ALA B 130 16.72 -31.73 16.66
C ALA B 130 15.42 -30.97 16.41
N SER B 131 14.93 -31.03 15.18
CA SER B 131 13.73 -30.32 14.78
C SER B 131 12.80 -31.25 14.01
N VAL B 132 11.61 -31.48 14.56
CA VAL B 132 10.57 -32.27 13.91
C VAL B 132 9.52 -31.32 13.36
N VAL B 133 9.12 -31.54 12.11
CA VAL B 133 8.23 -30.63 11.40
C VAL B 133 6.96 -31.36 11.01
N CYS B 134 5.82 -30.81 11.41
CA CYS B 134 4.50 -31.26 10.96
C CYS B 134 3.99 -30.28 9.91
N LEU B 135 3.34 -30.81 8.88
CA LEU B 135 2.96 -29.99 7.73
C LEU B 135 1.49 -30.19 7.41
N LEU B 136 0.78 -29.08 7.20
CA LEU B 136 -0.58 -29.07 6.66
C LEU B 136 -0.56 -28.26 5.37
N ASN B 137 -1.17 -28.81 4.32
CA ASN B 137 -1.12 -28.18 3.01
C ASN B 137 -2.51 -28.13 2.39
N ASN B 138 -2.79 -27.03 1.69
CA ASN B 138 -3.96 -26.90 0.83
C ASN B 138 -5.27 -27.15 1.59
N PHE B 139 -5.53 -26.27 2.55
CA PHE B 139 -6.75 -26.36 3.35
C PHE B 139 -7.39 -24.98 3.48
N TYR B 140 -8.58 -24.98 4.08
CA TYR B 140 -9.35 -23.77 4.35
C TYR B 140 -10.39 -24.13 5.40
N PRO B 141 -10.64 -23.27 6.40
CA PRO B 141 -10.00 -21.97 6.63
C PRO B 141 -8.71 -22.09 7.43
N ARG B 142 -8.29 -20.98 8.05
CA ARG B 142 -7.06 -20.95 8.83
C ARG B 142 -7.11 -21.84 10.06
N GLU B 143 -8.30 -22.31 10.45
CA GLU B 143 -8.47 -23.05 11.70
C GLU B 143 -7.50 -24.21 11.78
N ALA B 144 -6.76 -24.28 12.88
CA ALA B 144 -5.72 -25.29 13.04
C ALA B 144 -5.48 -25.56 14.51
N LYS B 145 -4.92 -26.73 14.80
CA LYS B 145 -4.60 -27.14 16.17
C LYS B 145 -3.59 -28.27 16.08
N VAL B 146 -2.37 -28.02 16.59
CA VAL B 146 -1.27 -28.96 16.48
C VAL B 146 -0.81 -29.34 17.88
N GLN B 147 -0.71 -30.65 18.13
CA GLN B 147 -0.28 -31.18 19.42
C GLN B 147 0.86 -32.16 19.20
N TRP B 148 1.87 -32.09 20.07
CA TRP B 148 3.06 -32.94 20.00
C TRP B 148 3.08 -33.86 21.22
N LYS B 149 2.49 -35.05 21.07
CA LYS B 149 2.43 -36.01 22.17
C LYS B 149 3.63 -36.94 22.08
N VAL B 150 4.76 -36.46 22.62
CA VAL B 150 5.97 -37.26 22.62
C VAL B 150 5.84 -38.36 23.67
N ASP B 151 6.01 -39.61 23.24
CA ASP B 151 5.81 -40.78 24.10
C ASP B 151 4.44 -40.72 24.77
N ASN B 152 3.45 -40.25 24.03
CA ASN B 152 2.06 -40.05 24.45
C ASN B 152 1.92 -38.95 25.52
N ALA B 153 2.99 -38.29 25.91
CA ALA B 153 2.93 -37.18 26.85
C ALA B 153 2.73 -35.88 26.08
N LEU B 154 1.59 -35.23 26.30
CA LEU B 154 1.21 -34.04 25.53
C LEU B 154 1.98 -32.83 26.06
N GLN B 155 3.26 -32.77 25.69
CA GLN B 155 4.06 -31.58 25.93
C GLN B 155 3.91 -30.64 24.74
N SER B 156 3.90 -29.34 25.00
CA SER B 156 3.66 -28.37 23.95
C SER B 156 4.49 -27.12 24.16
N GLY B 157 4.82 -26.45 23.06
CA GLY B 157 5.40 -25.13 23.15
C GLY B 157 6.67 -24.85 22.39
N ASN B 158 7.56 -25.85 22.28
CA ASN B 158 8.71 -25.67 21.43
C ASN B 158 8.32 -25.61 19.97
N SER B 159 7.09 -25.97 19.64
CA SER B 159 6.57 -25.78 18.30
C SER B 159 6.30 -24.31 18.02
N GLN B 160 6.69 -23.84 16.84
CA GLN B 160 6.42 -22.49 16.38
C GLN B 160 5.74 -22.59 15.02
N GLU B 161 4.47 -22.22 14.97
CA GLU B 161 3.65 -22.47 13.79
C GLU B 161 3.86 -21.37 12.75
N SER B 162 4.09 -21.80 11.51
CA SER B 162 4.23 -20.90 10.36
C SER B 162 3.04 -21.08 9.44
N VAL B 163 2.36 -19.97 9.13
CA VAL B 163 1.14 -20.00 8.33
C VAL B 163 1.40 -19.24 7.04
N THR B 164 1.28 -19.93 5.92
CA THR B 164 1.47 -19.30 4.62
C THR B 164 0.26 -18.45 4.26
N GLU B 165 0.28 -17.90 3.05
CA GLU B 165 -0.82 -17.11 2.54
C GLU B 165 -1.63 -17.91 1.53
N GLN B 166 -2.74 -17.33 1.08
CA GLN B 166 -3.67 -18.03 0.21
C GLN B 166 -3.11 -18.10 -1.21
N ASP B 167 -2.92 -19.31 -1.72
CA ASP B 167 -2.47 -19.49 -3.09
C ASP B 167 -3.57 -19.03 -4.04
N SER B 168 -3.24 -18.06 -4.89
CA SER B 168 -4.26 -17.51 -5.79
C SER B 168 -4.75 -18.55 -6.78
N LYS B 169 -3.92 -19.54 -7.09
CA LYS B 169 -4.28 -20.54 -8.10
C LYS B 169 -5.47 -21.38 -7.64
N ASP B 170 -5.50 -21.78 -6.36
CA ASP B 170 -6.56 -22.66 -5.88
C ASP B 170 -7.26 -22.18 -4.61
N SER B 171 -6.90 -21.01 -4.07
CA SER B 171 -7.59 -20.42 -2.92
C SER B 171 -7.52 -21.32 -1.69
N THR B 172 -6.32 -21.83 -1.41
CA THR B 172 -6.09 -22.70 -0.26
C THR B 172 -4.99 -22.12 0.62
N TYR B 173 -4.87 -22.68 1.82
CA TYR B 173 -3.87 -22.27 2.79
C TYR B 173 -2.80 -23.34 2.95
N SER B 174 -1.84 -23.06 3.83
CA SER B 174 -0.85 -24.05 4.25
C SER B 174 -0.35 -23.63 5.62
N LEU B 175 0.26 -24.58 6.32
CA LEU B 175 0.71 -24.34 7.68
C LEU B 175 1.83 -25.30 8.02
N SER B 176 2.62 -24.93 9.03
CA SER B 176 3.71 -25.79 9.50
C SER B 176 4.16 -25.33 10.87
N SER B 177 4.39 -26.29 11.76
CA SER B 177 5.00 -26.05 13.07
C SER B 177 6.37 -26.68 13.10
N THR B 178 7.15 -26.36 14.14
CA THR B 178 8.53 -26.84 14.24
C THR B 178 8.85 -27.11 15.70
N LEU B 179 8.88 -28.38 16.07
CA LEU B 179 9.25 -28.78 17.43
C LEU B 179 10.77 -28.88 17.53
N THR B 180 11.35 -28.14 18.48
CA THR B 180 12.80 -28.09 18.66
C THR B 180 13.15 -28.63 20.03
N LEU B 181 14.16 -29.51 20.07
CA LEU B 181 14.61 -30.12 21.31
C LEU B 181 16.09 -30.45 21.21
N SER B 182 16.65 -30.92 22.32
CA SER B 182 18.07 -31.24 22.42
C SER B 182 18.29 -32.74 22.26
N LYS B 183 19.56 -33.14 22.30
CA LYS B 183 19.90 -34.55 22.11
C LYS B 183 19.31 -35.42 23.22
N ALA B 184 19.56 -35.06 24.48
CA ALA B 184 19.00 -35.81 25.58
C ALA B 184 17.47 -35.82 25.53
N ASP B 185 16.87 -34.71 25.08
CA ASP B 185 15.43 -34.69 24.87
C ASP B 185 15.01 -35.65 23.77
N TYR B 186 15.85 -35.82 22.75
CA TYR B 186 15.50 -36.74 21.66
C TYR B 186 15.41 -38.18 22.15
N GLU B 187 16.36 -38.61 22.98
CA GLU B 187 16.31 -39.94 23.57
C GLU B 187 15.44 -39.99 24.83
N LYS B 188 14.88 -38.85 25.25
CA LYS B 188 14.01 -38.83 26.43
C LYS B 188 12.68 -39.52 26.17
N HIS B 189 12.19 -39.51 24.93
CA HIS B 189 10.88 -40.07 24.59
C HIS B 189 11.05 -41.08 23.46
N LYS B 190 9.98 -41.87 23.23
CA LYS B 190 10.06 -43.02 22.35
C LYS B 190 9.39 -42.80 21.00
N VAL B 191 8.11 -42.42 20.99
CA VAL B 191 7.32 -42.32 19.77
C VAL B 191 6.78 -40.89 19.67
N TYR B 192 6.94 -40.30 18.48
CA TYR B 192 6.56 -38.92 18.23
C TYR B 192 5.39 -38.86 17.26
N ALA B 193 4.59 -37.80 17.37
CA ALA B 193 3.41 -37.64 16.54
C ALA B 193 3.02 -36.16 16.52
N CYS B 194 2.22 -35.79 15.52
CA CYS B 194 1.59 -34.48 15.49
C CYS B 194 0.11 -34.64 15.20
N GLU B 195 -0.73 -33.99 16.00
CA GLU B 195 -2.18 -34.12 15.93
C GLU B 195 -2.77 -32.92 15.20
N VAL B 196 -3.77 -33.18 14.36
CA VAL B 196 -4.42 -32.16 13.55
C VAL B 196 -5.91 -32.16 13.87
N THR B 197 -6.47 -30.98 14.13
CA THR B 197 -7.88 -30.81 14.49
C THR B 197 -8.55 -29.78 13.57
N HIS B 198 -8.34 -29.92 12.27
CA HIS B 198 -9.09 -29.10 11.31
C HIS B 198 -10.56 -29.47 11.33
N GLN B 199 -11.42 -28.45 11.19
CA GLN B 199 -12.86 -28.67 11.26
C GLN B 199 -13.38 -29.54 10.11
N GLY B 200 -12.66 -29.59 8.98
CA GLY B 200 -13.05 -30.46 7.89
C GLY B 200 -12.69 -31.91 8.08
N LEU B 201 -11.99 -32.24 9.15
CA LEU B 201 -11.67 -33.62 9.50
C LEU B 201 -12.65 -34.11 10.56
N SER B 202 -13.41 -35.16 10.24
CA SER B 202 -14.36 -35.70 11.19
C SER B 202 -13.66 -36.30 12.41
N SER B 203 -12.40 -36.67 12.29
CA SER B 203 -11.62 -37.21 13.39
C SER B 203 -10.26 -36.53 13.44
N PRO B 204 -9.65 -36.42 14.62
CA PRO B 204 -8.32 -35.82 14.71
C PRO B 204 -7.25 -36.72 14.13
N VAL B 205 -7.11 -36.71 12.80
CA VAL B 205 -6.12 -37.56 12.13
C VAL B 205 -4.73 -37.15 12.54
N THR B 206 -3.93 -38.13 12.95
CA THR B 206 -2.60 -37.89 13.51
C THR B 206 -1.58 -38.71 12.73
N LYS B 207 -0.47 -38.07 12.34
CA LYS B 207 0.64 -38.75 11.70
C LYS B 207 1.76 -38.94 12.71
N SER B 208 2.30 -40.15 12.78
CA SER B 208 3.24 -40.53 13.83
C SER B 208 4.40 -41.32 13.25
N PHE B 209 5.48 -41.40 14.01
CA PHE B 209 6.64 -42.21 13.65
C PHE B 209 7.39 -42.59 14.91
N ASN B 210 7.98 -43.79 14.89
CA ASN B 210 8.85 -44.22 15.98
C ASN B 210 10.21 -43.54 15.86
N ARG B 211 10.96 -43.57 16.97
CA ARG B 211 12.28 -42.92 16.97
C ARG B 211 13.23 -43.56 15.95
N GLY B 212 12.99 -44.82 15.57
CA GLY B 212 13.83 -45.44 14.55
C GLY B 212 13.74 -44.73 13.22
N GLU B 213 12.64 -44.04 12.96
CA GLU B 213 12.45 -43.20 11.78
C GLU B 213 12.62 -43.97 10.47
N CYS B 214 12.31 -45.27 10.50
CA CYS B 214 12.45 -46.09 9.31
C CYS B 214 11.74 -47.43 9.49
N GLN C 3 -34.98 12.34 -5.48
CA GLN C 3 -35.50 11.74 -4.25
C GLN C 3 -35.21 12.61 -3.04
N PRO C 4 -36.08 13.59 -2.79
CA PRO C 4 -35.92 14.47 -1.60
C PRO C 4 -36.48 13.83 -0.34
N ILE C 5 -35.74 12.84 0.19
CA ILE C 5 -36.21 12.08 1.35
C ILE C 5 -36.04 12.92 2.61
N CYS C 6 -37.08 12.99 3.42
CA CYS C 6 -37.01 13.63 4.71
C CYS C 6 -36.31 12.72 5.72
N GLY C 7 -35.39 13.30 6.50
CA GLY C 7 -34.60 12.50 7.41
C GLY C 7 -33.11 12.72 7.22
N ASN C 8 -32.70 13.02 6.00
CA ASN C 8 -31.30 13.31 5.73
C ASN C 8 -30.87 14.57 6.46
N GLY C 9 -29.60 14.62 6.86
CA GLY C 9 -29.10 15.76 7.61
C GLY C 9 -29.25 17.08 6.89
N MET C 10 -29.25 17.05 5.56
CA MET C 10 -29.44 18.26 4.78
C MET C 10 -30.92 18.58 4.63
N VAL C 11 -31.25 19.87 4.66
CA VAL C 11 -32.62 20.33 4.54
C VAL C 11 -32.90 20.62 3.07
N GLU C 12 -33.89 19.94 2.50
CA GLU C 12 -34.28 20.14 1.12
C GLU C 12 -35.58 20.95 1.07
N GLN C 13 -36.10 21.12 -0.15
CA GLN C 13 -37.34 21.87 -0.33
C GLN C 13 -38.54 21.06 0.13
N GLY C 14 -39.62 21.76 0.46
CA GLY C 14 -40.80 21.14 1.01
C GLY C 14 -40.79 21.13 2.53
N GLU C 15 -39.75 20.55 3.12
CA GLU C 15 -39.54 20.57 4.55
C GLU C 15 -38.86 21.87 4.96
N GLU C 16 -38.59 22.02 6.27
CA GLU C 16 -37.84 23.17 6.78
C GLU C 16 -36.81 22.81 7.85
N CYS C 17 -36.81 21.58 8.36
CA CYS C 17 -35.81 21.20 9.34
C CYS C 17 -35.65 19.68 9.33
N ASP C 18 -34.43 19.23 9.58
CA ASP C 18 -34.05 17.82 9.45
C ASP C 18 -33.16 17.37 10.61
N CYS C 19 -33.60 17.62 11.85
CA CYS C 19 -32.84 17.18 13.01
C CYS C 19 -32.53 15.68 12.99
N GLY C 20 -33.27 14.90 12.22
CA GLY C 20 -32.98 13.50 12.02
C GLY C 20 -34.00 12.61 12.71
N TYR C 21 -33.63 11.34 12.83
CA TYR C 21 -34.47 10.36 13.51
C TYR C 21 -34.44 10.62 15.02
N SER C 22 -35.39 9.98 15.72
CA SER C 22 -35.60 10.27 17.14
C SER C 22 -34.35 9.98 17.97
N ASP C 23 -33.62 8.92 17.63
CA ASP C 23 -32.48 8.51 18.45
C ASP C 23 -31.32 9.49 18.37
N GLN C 24 -31.28 10.37 17.35
CA GLN C 24 -30.22 11.35 17.25
C GLN C 24 -30.71 12.78 17.13
N CYS C 25 -32.01 13.02 17.13
CA CYS C 25 -32.57 14.37 17.04
C CYS C 25 -32.36 15.08 18.37
N LYS C 26 -31.11 15.50 18.59
CA LYS C 26 -30.80 16.31 19.77
C LYS C 26 -31.47 17.67 19.68
N ASP C 27 -31.64 18.19 18.46
CA ASP C 27 -32.27 19.49 18.26
C ASP C 27 -33.74 19.44 18.67
N GLU C 28 -34.11 20.26 19.65
CA GLU C 28 -35.51 20.30 20.09
C GLU C 28 -36.38 21.19 19.22
N CYS C 29 -35.78 22.01 18.35
CA CYS C 29 -36.58 22.91 17.52
C CYS C 29 -37.34 22.16 16.43
N CYS C 30 -36.92 20.94 16.10
CA CYS C 30 -37.46 20.22 14.95
C CYS C 30 -38.14 18.93 15.40
N TYR C 31 -39.26 18.62 14.75
CA TYR C 31 -39.87 17.31 14.91
C TYR C 31 -38.95 16.24 14.37
N ASP C 32 -38.98 15.06 15.00
CA ASP C 32 -38.16 13.94 14.54
C ASP C 32 -38.57 13.52 13.14
N ALA C 33 -37.62 12.92 12.41
CA ALA C 33 -37.93 12.41 11.09
C ALA C 33 -38.90 11.24 11.14
N ASN C 34 -38.90 10.49 12.24
CA ASN C 34 -39.85 9.40 12.44
C ASN C 34 -41.05 9.87 13.27
N GLN C 35 -41.73 10.89 12.75
CA GLN C 35 -42.91 11.47 13.34
C GLN C 35 -44.07 11.39 12.36
N PRO C 36 -45.32 11.58 12.82
CA PRO C 36 -46.45 11.52 11.89
C PRO C 36 -46.32 12.53 10.76
N GLU C 37 -46.89 12.16 9.61
CA GLU C 37 -46.66 12.91 8.37
C GLU C 37 -47.19 14.34 8.46
N GLY C 38 -48.23 14.56 9.27
CA GLY C 38 -48.70 15.93 9.47
C GLY C 38 -47.62 16.82 10.06
N LYS C 39 -46.79 16.26 10.94
CA LYS C 39 -45.63 16.95 11.49
C LYS C 39 -44.31 16.37 10.97
N LYS C 40 -44.34 15.83 9.75
CA LYS C 40 -43.16 15.17 9.19
C LYS C 40 -42.02 16.17 8.99
N CYS C 41 -40.96 16.01 9.79
CA CYS C 41 -39.82 16.94 9.85
C CYS C 41 -40.27 18.40 9.68
N LYS C 42 -41.26 18.79 10.48
CA LYS C 42 -41.73 20.17 10.52
C LYS C 42 -41.14 20.90 11.73
N LEU C 43 -41.14 22.23 11.64
CA LEU C 43 -40.64 23.06 12.73
C LEU C 43 -41.64 23.09 13.87
N LYS C 44 -41.13 22.93 15.10
CA LYS C 44 -42.00 22.83 16.26
C LYS C 44 -42.82 24.11 16.45
N PRO C 45 -44.03 24.01 16.98
CA PRO C 45 -44.84 25.22 17.19
C PRO C 45 -44.21 26.15 18.22
N GLY C 46 -44.37 27.44 17.99
CA GLY C 46 -43.81 28.43 18.88
C GLY C 46 -42.30 28.54 18.84
N LYS C 47 -41.68 28.09 17.76
CA LYS C 47 -40.23 28.15 17.60
C LYS C 47 -39.89 29.02 16.40
N GLN C 48 -38.77 29.74 16.51
CA GLN C 48 -38.36 30.72 15.52
C GLN C 48 -37.48 30.12 14.43
N CYS C 49 -36.55 29.24 14.79
CA CYS C 49 -35.66 28.63 13.82
C CYS C 49 -35.18 27.28 14.35
N SER C 50 -34.34 26.63 13.55
CA SER C 50 -33.65 25.41 13.94
C SER C 50 -32.21 25.50 13.46
N PRO C 51 -31.27 24.92 14.19
CA PRO C 51 -29.86 24.97 13.77
C PRO C 51 -29.60 24.34 12.41
N SER C 52 -30.42 23.38 11.99
CA SER C 52 -30.24 22.75 10.68
C SER C 52 -30.55 23.70 9.54
N GLN C 53 -31.36 24.73 9.78
CA GLN C 53 -31.68 25.68 8.71
C GLN C 53 -30.45 26.44 8.24
N GLY C 54 -29.58 26.84 9.18
CA GLY C 54 -28.39 27.57 8.84
C GLY C 54 -27.57 27.96 10.06
N PRO C 55 -26.47 28.67 9.83
CA PRO C 55 -25.60 29.08 10.95
C PRO C 55 -26.09 30.31 11.71
N CYS C 56 -27.23 30.88 11.34
CA CYS C 56 -27.77 32.07 12.01
C CYS C 56 -28.94 31.74 12.92
N CYS C 57 -28.88 30.61 13.63
CA CYS C 57 -29.93 30.20 14.54
C CYS C 57 -29.33 29.82 15.89
N THR C 58 -30.04 30.15 16.96
CA THR C 58 -29.62 29.79 18.30
C THR C 58 -30.19 28.42 18.67
N ALA C 59 -29.52 27.77 19.63
CA ALA C 59 -29.97 26.46 20.09
C ALA C 59 -31.33 26.52 20.78
N HIS C 60 -31.72 27.69 21.29
CA HIS C 60 -33.02 27.87 21.92
C HIS C 60 -34.11 28.24 20.92
N CYS C 61 -33.91 27.92 19.64
CA CYS C 61 -34.90 28.15 18.57
C CYS C 61 -35.26 29.63 18.47
N ALA C 62 -34.25 30.48 18.34
CA ALA C 62 -34.44 31.91 18.16
C ALA C 62 -33.41 32.44 17.16
N PHE C 63 -33.85 33.36 16.31
CA PHE C 63 -32.97 33.94 15.30
C PHE C 63 -31.77 34.61 15.96
N LYS C 64 -30.58 34.33 15.44
CA LYS C 64 -29.38 35.03 15.90
C LYS C 64 -29.47 36.49 15.52
N SER C 65 -29.10 37.37 16.45
CA SER C 65 -29.30 38.80 16.26
C SER C 65 -28.47 39.31 15.09
N LYS C 66 -28.88 40.47 14.57
CA LYS C 66 -28.12 41.12 13.52
C LYS C 66 -26.74 41.53 14.04
N THR C 67 -25.81 41.74 13.11
CA THR C 67 -24.41 42.05 13.38
C THR C 67 -23.69 40.91 14.09
N GLU C 68 -24.20 39.70 13.98
CA GLU C 68 -23.54 38.52 14.53
C GLU C 68 -22.90 37.75 13.40
N LYS C 69 -21.63 37.38 13.58
CA LYS C 69 -20.85 36.76 12.51
C LYS C 69 -21.41 35.39 12.13
N CYS C 70 -21.50 35.14 10.83
CA CYS C 70 -21.95 33.82 10.35
C CYS C 70 -21.00 33.20 9.35
N ARG C 71 -20.38 34.00 8.48
CA ARG C 71 -19.41 33.51 7.51
C ARG C 71 -18.09 34.21 7.74
N ASP C 72 -17.00 33.43 7.73
CA ASP C 72 -15.68 33.98 8.00
C ASP C 72 -15.17 34.77 6.80
N ASP C 73 -14.13 35.57 7.05
CA ASP C 73 -13.47 36.30 5.99
C ASP C 73 -12.71 35.33 5.09
N SER C 74 -12.73 35.60 3.79
CA SER C 74 -12.02 34.80 2.81
C SER C 74 -11.07 35.69 2.01
N ASP C 75 -10.46 35.10 0.98
CA ASP C 75 -9.56 35.87 0.12
C ASP C 75 -10.32 36.95 -0.64
N CYS C 76 -11.55 36.64 -1.07
CA CYS C 76 -12.35 37.58 -1.83
C CYS C 76 -13.69 37.89 -1.17
N ALA C 77 -13.94 37.39 0.03
CA ALA C 77 -15.20 37.59 0.72
C ALA C 77 -14.95 38.16 2.11
N LYS C 78 -15.75 39.14 2.49
CA LYS C 78 -15.69 39.71 3.83
C LYS C 78 -16.52 38.87 4.79
N GLU C 79 -16.33 39.12 6.09
CA GLU C 79 -17.04 38.37 7.12
C GLU C 79 -18.54 38.59 6.99
N GLY C 80 -19.28 37.48 6.92
CA GLY C 80 -20.74 37.58 6.85
C GLY C 80 -21.34 37.78 8.23
N ILE C 81 -22.29 38.70 8.30
CA ILE C 81 -23.03 38.98 9.52
C ILE C 81 -24.43 38.41 9.37
N CYS C 82 -24.98 37.89 10.47
CA CYS C 82 -26.34 37.37 10.44
C CYS C 82 -27.34 38.48 10.17
N ASN C 83 -28.35 38.16 9.36
CA ASN C 83 -29.35 39.15 8.99
C ASN C 83 -30.33 39.47 10.11
N GLY C 84 -30.36 38.66 11.17
CA GLY C 84 -31.31 38.85 12.25
C GLY C 84 -32.74 38.52 11.90
N ILE C 85 -33.04 38.25 10.63
CA ILE C 85 -34.40 37.92 10.20
C ILE C 85 -34.52 36.52 9.62
N THR C 86 -33.41 35.86 9.32
CA THR C 86 -33.43 34.51 8.78
C THR C 86 -32.30 33.70 9.42
N ALA C 87 -32.53 32.39 9.53
CA ALA C 87 -31.61 31.49 10.20
C ALA C 87 -30.40 31.12 9.35
N LEU C 88 -30.36 31.55 8.09
CA LEU C 88 -29.21 31.28 7.23
C LEU C 88 -28.32 32.51 7.14
N CYS C 89 -27.05 32.27 6.89
CA CYS C 89 -26.09 33.37 6.69
C CYS C 89 -26.39 34.05 5.36
N PRO C 90 -26.68 35.35 5.35
CA PRO C 90 -27.00 36.02 4.08
C PRO C 90 -25.77 36.22 3.22
N ALA C 91 -25.97 36.74 2.01
CA ALA C 91 -24.87 36.91 1.07
C ALA C 91 -23.81 37.85 1.63
N SER C 92 -22.55 37.44 1.54
CA SER C 92 -21.45 38.24 2.03
C SER C 92 -21.09 39.31 1.01
N ASP C 93 -20.80 40.51 1.49
CA ASP C 93 -20.36 41.58 0.61
C ASP C 93 -18.98 41.26 0.05
N PRO C 94 -18.80 41.30 -1.26
CA PRO C 94 -17.52 40.90 -1.85
C PRO C 94 -16.39 41.85 -1.47
N LYS C 95 -15.18 41.30 -1.40
CA LYS C 95 -13.98 42.10 -1.22
C LYS C 95 -13.68 42.85 -2.53
N PRO C 96 -12.94 43.95 -2.46
CA PRO C 96 -12.76 44.79 -3.65
C PRO C 96 -12.05 44.07 -4.79
N ASN C 97 -12.30 44.57 -5.99
CA ASN C 97 -11.76 43.99 -7.21
C ASN C 97 -10.23 43.90 -7.16
N PHE C 98 -9.70 42.90 -7.86
CA PHE C 98 -8.27 42.75 -8.13
C PHE C 98 -7.43 42.63 -6.86
N THR C 99 -8.05 42.26 -5.74
CA THR C 99 -7.27 41.98 -4.54
C THR C 99 -6.48 40.69 -4.72
N ASP C 100 -5.27 40.66 -4.16
CA ASP C 100 -4.42 39.48 -4.28
C ASP C 100 -5.14 38.26 -3.74
N CYS C 101 -5.29 37.24 -4.58
CA CYS C 101 -6.04 36.04 -4.20
C CYS C 101 -5.30 34.78 -4.66
N ASN C 102 -5.71 33.65 -4.09
CA ASN C 102 -5.18 32.33 -4.44
C ASN C 102 -3.66 32.28 -4.26
N ARG C 103 -3.22 32.61 -3.05
CA ARG C 103 -1.79 32.73 -2.75
C ARG C 103 -1.09 33.66 -3.73
N HIS C 104 -1.75 34.78 -4.05
CA HIS C 104 -1.30 35.84 -4.95
C HIS C 104 -1.19 35.39 -6.40
N THR C 105 -1.64 34.18 -6.73
CA THR C 105 -1.62 33.73 -8.12
C THR C 105 -2.77 34.33 -8.92
N GLN C 106 -3.90 34.60 -8.28
CA GLN C 106 -5.05 35.15 -8.99
C GLN C 106 -5.51 36.44 -8.34
N VAL C 107 -6.67 36.95 -8.78
CA VAL C 107 -7.21 38.21 -8.27
C VAL C 107 -8.68 38.00 -7.92
N CYS C 108 -9.22 38.93 -7.13
CA CYS C 108 -10.61 38.87 -6.69
C CYS C 108 -11.48 39.56 -7.73
N ILE C 109 -12.12 38.76 -8.57
CA ILE C 109 -13.01 39.25 -9.62
C ILE C 109 -14.40 38.68 -9.38
N ASN C 110 -15.42 39.53 -9.52
CA ASN C 110 -16.81 39.15 -9.28
C ASN C 110 -17.01 38.64 -7.85
N GLY C 111 -16.23 39.16 -6.91
CA GLY C 111 -16.29 38.67 -5.54
C GLY C 111 -15.78 37.27 -5.35
N GLN C 112 -15.21 36.67 -6.39
CA GLN C 112 -14.66 35.33 -6.34
C GLN C 112 -13.20 35.38 -6.81
N CYS C 113 -12.59 34.21 -6.94
CA CYS C 113 -11.18 34.09 -7.27
C CYS C 113 -11.06 33.39 -8.62
N ALA C 114 -10.74 34.16 -9.66
CA ALA C 114 -10.59 33.61 -11.01
C ALA C 114 -9.54 34.42 -11.74
N GLY C 115 -9.37 34.13 -13.03
CA GLY C 115 -8.37 34.82 -13.83
C GLY C 115 -6.97 34.57 -13.30
N SER C 116 -6.18 35.65 -13.24
CA SER C 116 -4.82 35.56 -12.73
C SER C 116 -4.36 36.97 -12.39
N ILE C 117 -3.17 37.06 -11.80
CA ILE C 117 -2.61 38.35 -11.44
C ILE C 117 -2.28 39.18 -12.67
N CYS C 118 -2.17 38.55 -13.84
CA CYS C 118 -1.85 39.29 -15.06
C CYS C 118 -2.84 40.40 -15.31
N GLU C 119 -4.14 40.10 -15.19
CA GLU C 119 -5.16 41.10 -15.41
C GLU C 119 -5.29 42.10 -14.26
N LYS C 120 -4.62 41.86 -13.13
CA LYS C 120 -4.51 42.91 -12.12
C LYS C 120 -3.70 44.08 -12.64
N HIS C 121 -2.62 43.80 -13.37
CA HIS C 121 -1.76 44.81 -13.94
C HIS C 121 -2.24 45.28 -15.31
N GLY C 122 -3.49 45.01 -15.66
CA GLY C 122 -4.00 45.36 -16.97
C GLY C 122 -3.60 44.43 -18.08
N LEU C 123 -2.95 43.31 -17.77
CA LEU C 123 -2.46 42.36 -18.74
C LEU C 123 -3.43 41.20 -18.89
N GLU C 124 -2.99 40.15 -19.58
CA GLU C 124 -3.71 38.89 -19.66
C GLU C 124 -2.73 37.75 -19.51
N GLU C 125 -3.22 36.61 -19.04
CA GLU C 125 -2.37 35.45 -18.78
C GLU C 125 -2.04 34.73 -20.07
N CYS C 126 -0.89 34.09 -20.09
CA CYS C 126 -0.40 33.36 -21.26
C CYS C 126 0.43 32.17 -20.79
N THR C 127 0.78 31.31 -21.74
CA THR C 127 1.58 30.12 -21.47
C THR C 127 2.92 30.25 -22.16
N CYS C 128 4.00 30.17 -21.38
CA CYS C 128 5.35 30.27 -21.89
C CYS C 128 5.80 28.91 -22.45
N ALA C 129 6.98 28.91 -23.05
CA ALA C 129 7.58 27.69 -23.58
C ALA C 129 9.08 27.88 -23.71
N SER C 130 9.83 26.86 -23.33
CA SER C 130 11.29 26.88 -23.37
C SER C 130 11.78 25.90 -24.43
N SER C 131 13.02 26.11 -24.87
CA SER C 131 13.61 25.29 -25.91
C SER C 131 14.08 23.94 -25.35
N ASP C 132 15.04 23.98 -24.44
CA ASP C 132 15.65 22.76 -23.91
C ASP C 132 15.84 22.90 -22.41
N GLY C 133 15.91 21.75 -21.76
CA GLY C 133 16.22 21.67 -20.34
C GLY C 133 14.98 21.39 -19.50
N LYS C 134 14.81 22.17 -18.43
CA LYS C 134 13.72 21.96 -17.48
C LYS C 134 12.46 22.72 -17.93
N ASP C 135 12.00 22.39 -19.14
CA ASP C 135 10.82 23.05 -19.71
C ASP C 135 9.57 22.84 -18.86
N ASP C 136 9.56 21.82 -18.01
CA ASP C 136 8.42 21.57 -17.14
C ASP C 136 8.23 22.69 -16.12
N LYS C 137 9.33 23.19 -15.55
CA LYS C 137 9.21 24.22 -14.51
C LYS C 137 8.49 25.45 -15.03
N GLU C 138 8.77 25.84 -16.27
CA GLU C 138 8.17 27.05 -16.83
C GLU C 138 6.65 26.93 -16.92
N LEU C 139 6.15 25.70 -17.07
CA LEU C 139 4.71 25.50 -17.19
C LEU C 139 3.98 25.87 -15.90
N CYS C 140 4.61 25.60 -14.75
CA CYS C 140 4.04 25.98 -13.45
C CYS C 140 4.43 27.39 -13.04
N HIS C 141 5.09 28.13 -13.91
CA HIS C 141 5.43 29.52 -13.66
C HIS C 141 4.44 30.43 -14.37
N VAL C 142 3.89 31.40 -13.63
CA VAL C 142 2.88 32.28 -14.21
C VAL C 142 3.53 33.15 -15.28
N CYS C 143 2.84 33.27 -16.42
CA CYS C 143 3.29 34.13 -17.51
C CYS C 143 2.15 35.04 -17.91
N CYS C 144 2.51 36.21 -18.47
CA CYS C 144 1.54 37.22 -18.83
C CYS C 144 1.81 37.74 -20.24
N MET C 145 0.75 38.22 -20.88
CA MET C 145 0.81 38.75 -22.24
C MET C 145 -0.01 40.03 -22.31
N LYS C 146 0.33 40.88 -23.28
CA LYS C 146 -0.50 42.03 -23.57
C LYS C 146 -1.79 41.57 -24.24
N LYS C 147 -2.80 42.45 -24.19
CA LYS C 147 -4.12 42.10 -24.73
C LYS C 147 -4.04 41.79 -26.21
N MET C 148 -4.42 40.57 -26.58
CA MET C 148 -4.49 40.13 -27.97
C MET C 148 -3.13 40.20 -28.67
N GLU C 149 -2.05 40.10 -27.90
CA GLU C 149 -0.68 40.13 -28.43
C GLU C 149 0.08 38.94 -27.87
N PRO C 150 -0.14 37.74 -28.43
CA PRO C 150 0.52 36.54 -27.87
C PRO C 150 2.03 36.58 -27.92
N SER C 151 2.62 37.30 -28.87
CA SER C 151 4.08 37.36 -28.96
C SER C 151 4.72 38.06 -27.77
N THR C 152 3.94 38.79 -26.98
CA THR C 152 4.46 39.47 -25.80
C THR C 152 4.56 38.55 -24.59
N CYS C 153 4.25 37.27 -24.74
CA CYS C 153 4.22 36.36 -23.61
C CYS C 153 5.60 36.26 -22.98
N ALA C 154 5.63 36.39 -21.65
CA ALA C 154 6.88 36.31 -20.89
C ALA C 154 6.53 36.02 -19.44
N SER C 155 7.53 35.54 -18.71
CA SER C 155 7.32 35.16 -17.31
C SER C 155 7.11 36.40 -16.45
N THR C 156 6.47 36.19 -15.30
CA THR C 156 6.30 37.28 -14.35
C THR C 156 7.63 37.81 -13.85
N GLY C 157 8.55 36.90 -13.51
CA GLY C 157 9.85 37.29 -13.01
C GLY C 157 10.88 37.49 -14.10
N SER C 158 10.75 38.55 -14.87
CA SER C 158 11.66 38.85 -15.96
C SER C 158 11.81 40.35 -16.09
N VAL C 159 12.76 40.78 -16.91
CA VAL C 159 12.93 42.20 -17.17
C VAL C 159 11.68 42.76 -17.84
N GLN C 160 11.09 42.00 -18.75
CA GLN C 160 9.73 42.28 -19.16
C GLN C 160 8.78 41.92 -18.03
N TRP C 161 7.76 42.76 -17.83
CA TRP C 161 6.85 42.72 -16.69
C TRP C 161 7.56 42.98 -15.36
N ASN C 162 8.81 43.47 -15.39
CA ASN C 162 9.52 43.79 -14.16
C ASN C 162 8.85 44.94 -13.43
N LYS C 163 8.37 45.93 -14.18
CA LYS C 163 7.64 47.05 -13.56
C LYS C 163 6.42 46.56 -12.81
N TYR C 164 5.82 45.46 -13.26
CA TYR C 164 4.62 44.92 -12.62
C TYR C 164 4.93 43.94 -11.49
N PHE C 165 5.86 43.01 -11.71
CA PHE C 165 6.09 41.94 -10.75
C PHE C 165 7.38 42.08 -9.95
N LEU C 166 8.39 42.78 -10.50
CA LEU C 166 9.59 43.15 -9.76
C LEU C 166 10.33 41.92 -9.22
N GLY C 167 10.78 41.06 -10.14
CA GLY C 167 11.53 39.88 -9.77
C GLY C 167 10.75 38.88 -8.96
N ARG C 168 9.50 38.63 -9.33
CA ARG C 168 8.64 37.66 -8.64
C ARG C 168 8.21 36.60 -9.66
N THR C 169 8.87 35.45 -9.64
CA THR C 169 8.48 34.32 -10.48
C THR C 169 7.31 33.61 -9.80
N ILE C 170 6.12 34.12 -10.05
CA ILE C 170 4.92 33.59 -9.42
C ILE C 170 4.70 32.15 -9.88
N THR C 171 4.41 31.28 -8.94
CA THR C 171 4.23 29.86 -9.19
C THR C 171 2.76 29.49 -9.10
N LEU C 172 2.31 28.64 -10.02
CA LEU C 172 0.91 28.24 -10.08
C LEU C 172 0.55 27.43 -8.84
N GLN C 173 -0.74 27.48 -8.49
CA GLN C 173 -1.14 26.66 -7.35
C GLN C 173 -1.58 25.29 -7.81
N PRO C 174 -1.37 24.26 -6.98
CA PRO C 174 -1.80 22.91 -7.33
C PRO C 174 -3.29 22.86 -7.66
N GLY C 175 -3.61 22.18 -8.75
CA GLY C 175 -4.95 22.15 -9.29
C GLY C 175 -5.16 23.11 -10.45
N SER C 176 -4.27 24.09 -10.62
CA SER C 176 -4.40 25.01 -11.75
C SER C 176 -3.90 24.32 -13.01
N PRO C 177 -4.62 24.44 -14.13
CA PRO C 177 -4.14 23.84 -15.38
C PRO C 177 -2.90 24.54 -15.89
N CYS C 178 -2.19 23.84 -16.78
CA CYS C 178 -0.94 24.36 -17.34
C CYS C 178 -0.72 23.71 -18.69
N ASN C 179 0.29 24.22 -19.40
CA ASN C 179 0.70 23.70 -20.71
C ASN C 179 -0.48 23.68 -21.67
N ASP C 180 -1.19 24.81 -21.72
CA ASP C 180 -2.36 24.96 -22.60
C ASP C 180 -3.41 23.88 -22.30
N PHE C 181 -3.67 23.67 -21.00
CA PHE C 181 -4.66 22.74 -20.48
C PHE C 181 -4.20 21.29 -20.62
N ARG C 182 -3.06 21.07 -21.29
CA ARG C 182 -2.57 19.70 -21.44
C ARG C 182 -2.23 19.09 -20.08
N GLY C 183 -1.75 19.90 -19.14
CA GLY C 183 -1.42 19.42 -17.82
C GLY C 183 -2.11 20.24 -16.73
N TYR C 184 -1.93 19.78 -15.51
CA TYR C 184 -2.32 20.49 -14.30
C TYR C 184 -1.11 20.54 -13.39
N CYS C 185 -0.84 21.70 -12.81
CA CYS C 185 0.35 21.88 -12.00
C CYS C 185 0.21 21.16 -10.67
N ASP C 186 1.27 20.45 -10.25
CA ASP C 186 1.26 19.69 -9.02
C ASP C 186 1.93 20.48 -7.91
N VAL C 187 1.99 19.88 -6.72
CA VAL C 187 2.60 20.52 -5.57
C VAL C 187 4.08 20.74 -5.81
N PHE C 188 4.75 19.77 -6.41
CA PHE C 188 6.18 19.87 -6.70
C PHE C 188 6.48 20.87 -7.82
N MET C 189 5.49 21.64 -8.26
CA MET C 189 5.65 22.64 -9.32
C MET C 189 6.04 21.98 -10.65
N ARG C 190 5.44 20.83 -10.94
CA ARG C 190 5.66 20.09 -12.18
C ARG C 190 4.32 19.89 -12.88
N CYS C 191 4.18 20.49 -14.06
CA CYS C 191 2.94 20.35 -14.83
C CYS C 191 2.71 18.90 -15.18
N ARG C 192 1.46 18.45 -15.02
CA ARG C 192 1.18 17.02 -15.05
C ARG C 192 -0.26 16.79 -15.45
N ALA C 193 -0.49 15.91 -16.41
CA ALA C 193 -1.84 15.54 -16.77
C ALA C 193 -1.93 14.98 -18.18
N SER C 194 -3.18 14.84 -18.63
CA SER C 194 -3.53 14.42 -19.99
C SER C 194 -2.94 13.06 -20.34
N GLY C 195 -3.41 11.99 -19.70
CA GLY C 195 -2.66 10.80 -19.30
C GLY C 195 -1.82 10.20 -20.44
N SER C 196 -1.38 8.95 -20.30
CA SER C 196 -0.73 8.26 -21.40
C SER C 196 0.74 8.69 -21.46
#